data_8YTP
#
_entry.id   8YTP
#
_cell.length_a   35.680
_cell.length_b   61.420
_cell.length_c   88.820
_cell.angle_alpha   90.00
_cell.angle_beta   90.00
_cell.angle_gamma   90.00
#
_symmetry.space_group_name_H-M   'P 21 21 21'
#
loop_
_entity.id
_entity.type
_entity.pdbx_description
1 polymer 'Single-chain Fv antibody of E11'
2 non-polymer '2-[2-(3-nitro-4-oxidanyl-phenyl)ethanoylamino]ethanoic acid'
3 water water
#
_entity_poly.entity_id   1
_entity_poly.type   'polypeptide(L)'
_entity_poly.pdbx_seq_one_letter_code
;GSAQAVVTQESALTTSPGETVTLTCRSSTGAVISSNFVSWVQEKPDHLFTGLIGGNKNRAPGVPARFSGSLIGDKAVLTI
TGAQTEDEAIYFCALWYSNHWVFGGGTKLTVLGQGGGGSGGGGSGGGGSQVQLQQPGAELAKPGASVQLSCKGSGYTFPN
YWMHWVTQRPGRGLEWIGRIDPNSGFIRYDERFKTKATLTVDKPSSTAYMQLSSLTSDDSAVYFCARGCYGCIHFDYWGQ
GTTLTVSS
;
_entity_poly.pdbx_strand_id   A
#
loop_
_chem_comp.id
_chem_comp.type
_chem_comp.name
_chem_comp.formula
A1LZO non-polymer '2-[2-(3-nitro-4-oxidanyl-phenyl)ethanoylamino]ethanoic acid' 'C10 H10 N2 O6'
#
# COMPACT_ATOMS: atom_id res chain seq x y z
N ALA A 5 -1.25 18.04 -3.70
CA ALA A 5 -0.26 17.64 -2.69
C ALA A 5 0.69 16.57 -3.22
N VAL A 6 1.99 16.79 -3.05
CA VAL A 6 3.03 15.88 -3.52
C VAL A 6 3.83 15.38 -2.32
N VAL A 7 4.06 14.07 -2.25
CA VAL A 7 4.74 13.46 -1.10
C VAL A 7 6.08 12.97 -1.61
N THR A 8 7.19 13.41 -0.97
CA THR A 8 8.55 13.12 -1.42
CA THR A 8 8.53 13.08 -1.44
C THR A 8 9.31 12.27 -0.41
N GLN A 9 10.01 11.26 -0.94
CA GLN A 9 10.89 10.35 -0.21
C GLN A 9 12.23 10.31 -0.90
N GLU A 10 13.28 9.93 -0.17
CA GLU A 10 14.58 9.66 -0.79
C GLU A 10 14.41 8.56 -1.85
N SER A 11 15.01 8.74 -3.03
CA SER A 11 14.86 7.72 -4.06
CA SER A 11 14.86 7.73 -4.07
C SER A 11 15.51 6.40 -3.64
N ALA A 12 16.70 6.47 -3.03
CA ALA A 12 17.40 5.26 -2.61
C ALA A 12 18.25 5.59 -1.41
N LEU A 13 18.47 4.59 -0.55
CA LEU A 13 19.43 4.69 0.54
C LEU A 13 20.15 3.36 0.62
N THR A 14 21.43 3.39 1.01
CA THR A 14 22.20 2.18 1.18
C THR A 14 22.66 2.05 2.63
N THR A 15 22.53 0.85 3.16
CA THR A 15 22.91 0.57 4.54
C THR A 15 23.61 -0.79 4.57
N SER A 16 23.98 -1.22 5.77
CA SER A 16 24.54 -2.55 5.96
CA SER A 16 24.59 -2.53 6.01
C SER A 16 23.85 -3.18 7.16
N PRO A 17 23.95 -4.51 7.29
CA PRO A 17 23.31 -5.18 8.43
C PRO A 17 23.86 -4.59 9.72
N GLY A 18 22.95 -4.32 10.66
CA GLY A 18 23.33 -3.79 11.95
C GLY A 18 23.34 -2.28 12.06
N GLU A 19 23.21 -1.54 10.95
CA GLU A 19 23.19 -0.09 11.05
C GLU A 19 21.77 0.41 11.35
N THR A 20 21.67 1.69 11.72
CA THR A 20 20.38 2.32 11.97
C THR A 20 20.09 3.23 10.81
N VAL A 21 18.92 3.07 10.17
CA VAL A 21 18.56 3.81 8.99
CA VAL A 21 18.59 3.85 9.01
C VAL A 21 17.26 4.56 9.25
N THR A 22 17.21 5.81 8.81
CA THR A 22 15.99 6.59 8.85
C THR A 22 15.56 6.92 7.42
N LEU A 23 14.28 6.72 7.14
CA LEU A 23 13.67 7.03 5.84
C LEU A 23 12.69 8.15 6.10
N THR A 24 12.70 9.19 5.25
CA THR A 24 11.88 10.36 5.49
C THR A 24 10.81 10.56 4.43
N CYS A 25 9.79 11.34 4.80
CA CYS A 25 8.60 11.49 3.97
C CYS A 25 8.12 12.92 4.21
N ARG A 26 8.15 13.76 3.17
CA ARG A 26 7.75 15.15 3.30
CA ARG A 26 7.81 15.17 3.25
C ARG A 26 6.53 15.47 2.46
N SER A 27 5.75 16.40 2.97
CA SER A 27 4.56 16.90 2.28
C SER A 27 4.89 18.23 1.60
N SER A 28 4.31 18.45 0.41
CA SER A 28 4.49 19.72 -0.27
C SER A 28 3.86 20.89 0.50
N THR A 29 3.02 20.62 1.52
CA THR A 29 2.55 21.69 2.42
C THR A 29 3.67 22.24 3.29
N GLY A 30 4.79 21.56 3.37
CA GLY A 30 5.82 21.97 4.29
C GLY A 30 5.76 21.30 5.64
N ALA A 31 4.69 20.55 5.92
CA ALA A 31 4.67 19.79 7.16
C ALA A 31 3.73 18.61 7.07
N VAL A 32 4.22 17.45 7.46
CA VAL A 32 3.35 16.31 7.72
C VAL A 32 2.76 16.51 9.11
N ILE A 33 1.44 16.42 9.19
CA ILE A 33 0.74 16.67 10.44
C ILE A 33 0.02 15.41 10.92
N SER A 34 -0.43 15.43 12.16
CA SER A 34 -1.02 14.22 12.74
C SER A 34 -2.22 13.72 11.95
N SER A 35 -3.05 14.61 11.42
CA SER A 35 -4.22 14.20 10.64
C SER A 35 -3.85 13.55 9.31
N ASN A 36 -2.61 13.67 8.84
CA ASN A 36 -2.20 12.88 7.66
C ASN A 36 -2.11 11.39 7.99
N PHE A 37 -2.13 11.02 9.28
CA PHE A 37 -2.37 9.63 9.75
C PHE A 37 -1.57 8.62 8.91
N VAL A 38 -0.24 8.77 8.96
CA VAL A 38 0.65 8.20 7.95
C VAL A 38 0.75 6.68 8.12
N SER A 39 0.69 5.95 7.00
CA SER A 39 1.12 4.55 6.98
C SER A 39 2.46 4.43 6.25
N TRP A 40 3.26 3.46 6.68
CA TRP A 40 4.44 3.04 5.94
C TRP A 40 4.22 1.60 5.51
N VAL A 41 4.49 1.31 4.22
CA VAL A 41 4.38 -0.04 3.68
C VAL A 41 5.67 -0.43 2.99
N GLN A 42 5.90 -1.74 2.90
CA GLN A 42 7.12 -2.29 2.36
C GLN A 42 6.79 -3.17 1.17
N GLU A 43 7.47 -2.96 0.04
CA GLU A 43 7.30 -3.76 -1.16
C GLU A 43 8.53 -4.62 -1.43
N LYS A 44 8.33 -5.90 -1.57
CA LYS A 44 9.37 -6.86 -1.96
C LYS A 44 9.07 -7.44 -3.32
N PRO A 45 10.05 -8.08 -3.97
CA PRO A 45 9.88 -8.52 -5.35
C PRO A 45 8.71 -9.46 -5.51
N ASP A 46 8.15 -9.40 -6.72
CA ASP A 46 6.88 -9.93 -7.11
C ASP A 46 5.74 -9.13 -6.48
N HIS A 47 5.88 -7.77 -6.49
CA HIS A 47 4.99 -6.78 -5.85
CA HIS A 47 4.99 -6.79 -5.84
C HIS A 47 4.25 -7.32 -4.62
N LEU A 48 5.04 -7.77 -3.60
CA LEU A 48 4.56 -8.30 -2.33
C LEU A 48 4.62 -7.18 -1.30
N PHE A 49 3.45 -6.67 -0.88
CA PHE A 49 3.40 -5.55 0.05
C PHE A 49 3.00 -6.02 1.45
N THR A 50 3.57 -5.36 2.47
CA THR A 50 3.22 -5.52 3.87
C THR A 50 3.17 -4.15 4.52
N GLY A 51 2.16 -3.86 5.34
CA GLY A 51 2.16 -2.62 6.11
C GLY A 51 3.02 -2.77 7.36
N LEU A 52 3.75 -1.72 7.69
CA LEU A 52 4.64 -1.71 8.85
C LEU A 52 4.17 -0.76 9.95
N ILE A 53 3.71 0.44 9.59
CA ILE A 53 3.32 1.49 10.53
C ILE A 53 1.97 2.02 10.07
N GLY A 54 1.10 2.36 11.02
CA GLY A 54 -0.09 3.11 10.71
C GLY A 54 -0.32 4.19 11.75
N GLY A 55 -1.19 5.15 11.41
CA GLY A 55 -1.48 6.19 12.40
C GLY A 55 -0.25 6.95 12.84
N ASN A 56 0.71 7.19 11.91
CA ASN A 56 1.95 7.98 12.15
C ASN A 56 3.00 7.19 12.91
N LYS A 57 2.60 6.54 14.00
CA LYS A 57 3.56 6.00 14.95
C LYS A 57 3.26 4.59 15.45
N ASN A 58 2.20 3.93 14.97
CA ASN A 58 1.79 2.65 15.54
C ASN A 58 2.37 1.51 14.73
N ARG A 59 3.20 0.71 15.38
CA ARG A 59 3.76 -0.47 14.73
C ARG A 59 2.65 -1.52 14.61
N ALA A 60 2.42 -2.01 13.41
CA ALA A 60 1.34 -2.97 13.22
C ALA A 60 1.62 -4.26 13.99
N PRO A 61 0.62 -4.89 14.59
CA PRO A 61 0.89 -6.16 15.26
C PRO A 61 1.59 -7.14 14.32
N GLY A 62 2.54 -7.90 14.86
CA GLY A 62 3.33 -8.83 14.07
C GLY A 62 4.57 -8.22 13.44
N VAL A 63 4.65 -6.90 13.34
CA VAL A 63 5.80 -6.27 12.70
C VAL A 63 6.98 -6.30 13.65
N PRO A 64 8.20 -6.58 13.17
CA PRO A 64 9.34 -6.67 14.11
C PRO A 64 9.65 -5.36 14.81
N ALA A 65 10.19 -5.49 16.03
CA ALA A 65 10.51 -4.37 16.90
C ALA A 65 11.52 -3.41 16.31
N ARG A 66 12.38 -3.86 15.37
CA ARG A 66 13.35 -2.92 14.82
C ARG A 66 12.73 -1.81 13.99
N PHE A 67 11.46 -1.92 13.59
CA PHE A 67 10.78 -0.84 12.86
C PHE A 67 10.04 0.08 13.83
N SER A 68 10.18 1.38 13.62
CA SER A 68 9.38 2.35 14.38
C SER A 68 9.11 3.54 13.49
N GLY A 69 8.08 4.30 13.82
CA GLY A 69 7.71 5.46 13.03
C GLY A 69 7.29 6.61 13.92
N SER A 70 7.53 7.84 13.45
CA SER A 70 6.93 8.99 14.14
C SER A 70 6.97 10.21 13.23
N LEU A 71 6.38 11.31 13.72
CA LEU A 71 6.47 12.60 13.05
C LEU A 71 7.55 13.41 13.74
N ILE A 72 8.55 13.86 12.96
CA ILE A 72 9.70 14.57 13.54
C ILE A 72 10.06 15.73 12.60
N GLY A 73 10.28 16.92 13.15
CA GLY A 73 10.78 18.02 12.32
C GLY A 73 9.97 18.29 11.07
N ASP A 74 8.64 18.18 11.17
CA ASP A 74 7.64 18.44 10.14
C ASP A 74 7.63 17.37 9.04
N LYS A 75 8.26 16.22 9.26
CA LYS A 75 8.26 15.12 8.32
C LYS A 75 7.77 13.85 9.03
N ALA A 76 7.43 12.84 8.25
CA ALA A 76 7.21 11.50 8.79
C ALA A 76 8.51 10.72 8.62
N VAL A 77 8.87 9.90 9.61
CA VAL A 77 10.15 9.18 9.61
C VAL A 77 9.90 7.73 10.00
N LEU A 78 10.44 6.80 9.22
CA LEU A 78 10.49 5.39 9.58
C LEU A 78 11.92 5.05 9.93
N THR A 79 12.12 4.47 11.11
CA THR A 79 13.45 4.11 11.57
C THR A 79 13.61 2.59 11.64
N ILE A 80 14.72 2.08 11.11
CA ILE A 80 15.06 0.66 11.24
C ILE A 80 16.28 0.61 12.14
N THR A 81 16.12 0.12 13.37
CA THR A 81 17.22 0.14 14.33
C THR A 81 17.90 -1.23 14.30
N GLY A 82 18.95 -1.34 13.49
CA GLY A 82 19.61 -2.63 13.28
C GLY A 82 19.05 -3.28 12.02
N ALA A 83 19.40 -2.73 10.86
CA ALA A 83 18.89 -3.26 9.61
C ALA A 83 19.32 -4.72 9.43
N GLN A 84 18.46 -5.48 8.79
CA GLN A 84 18.74 -6.87 8.46
C GLN A 84 18.74 -7.04 6.94
N THR A 85 19.43 -8.09 6.46
CA THR A 85 19.59 -8.32 5.03
CA THR A 85 19.58 -8.31 5.03
C THR A 85 18.24 -8.34 4.32
N GLU A 86 17.21 -8.99 4.97
CA GLU A 86 15.88 -9.12 4.38
C GLU A 86 15.12 -7.81 4.37
N ASP A 87 15.67 -6.73 4.94
CA ASP A 87 14.97 -5.44 4.89
C ASP A 87 15.21 -4.69 3.58
N GLU A 88 16.02 -5.25 2.67
CA GLU A 88 16.13 -4.70 1.34
C GLU A 88 14.77 -4.76 0.65
N ALA A 89 14.27 -3.60 0.26
CA ALA A 89 12.86 -3.47 -0.14
C ALA A 89 12.64 -2.05 -0.62
N ILE A 90 11.43 -1.79 -1.16
CA ILE A 90 11.00 -0.39 -1.43
C ILE A 90 10.01 -0.01 -0.35
N TYR A 91 10.23 1.13 0.30
CA TYR A 91 9.38 1.57 1.38
C TYR A 91 8.59 2.76 0.90
N PHE A 92 7.28 2.72 1.10
CA PHE A 92 6.40 3.82 0.70
C PHE A 92 5.69 4.40 1.91
N CYS A 93 5.59 5.73 1.96
N CYS A 93 5.55 5.71 1.87
CA CYS A 93 4.70 6.35 2.93
CA CYS A 93 4.68 6.46 2.74
C CYS A 93 3.41 6.76 2.23
C CYS A 93 3.27 6.43 2.17
N ALA A 94 2.32 6.80 3.01
CA ALA A 94 1.00 7.16 2.51
C ALA A 94 0.40 8.18 3.47
N LEU A 95 -0.06 9.30 2.91
CA LEU A 95 -0.65 10.39 3.70
C LEU A 95 -2.11 10.61 3.36
N TRP A 96 -2.92 10.85 4.42
CA TRP A 96 -4.32 11.15 4.24
C TRP A 96 -4.51 12.67 4.12
N TYR A 97 -5.10 13.10 3.00
CA TYR A 97 -5.36 14.53 2.75
C TYR A 97 -6.87 14.72 2.66
N SER A 98 -7.56 14.47 3.79
CA SER A 98 -8.93 14.90 4.04
C SER A 98 -9.98 14.08 3.29
N ASN A 99 -9.72 13.74 2.02
CA ASN A 99 -10.65 12.91 1.28
C ASN A 99 -9.94 11.99 0.28
N HIS A 100 -8.62 11.88 0.33
CA HIS A 100 -7.91 10.92 -0.52
C HIS A 100 -6.56 10.62 0.10
N TRP A 101 -6.01 9.46 -0.25
CA TRP A 101 -4.64 9.12 0.14
C TRP A 101 -3.67 9.45 -0.99
N VAL A 102 -2.47 9.90 -0.61
CA VAL A 102 -1.38 10.14 -1.57
C VAL A 102 -0.16 9.35 -1.09
N PHE A 103 0.47 8.61 -2.01
CA PHE A 103 1.67 7.87 -1.70
C PHE A 103 2.91 8.67 -2.11
N GLY A 104 3.99 8.50 -1.35
CA GLY A 104 5.28 8.95 -1.78
C GLY A 104 5.79 8.11 -2.92
N GLY A 105 6.91 8.56 -3.50
CA GLY A 105 7.52 7.85 -4.62
C GLY A 105 8.30 6.60 -4.23
N GLY A 106 8.45 6.31 -2.94
CA GLY A 106 9.13 5.09 -2.48
C GLY A 106 10.61 5.31 -2.38
N THR A 107 11.22 4.65 -1.39
CA THR A 107 12.67 4.62 -1.18
C THR A 107 13.14 3.19 -1.36
N LYS A 108 14.06 3.01 -2.31
CA LYS A 108 14.71 1.71 -2.48
CA LYS A 108 14.72 1.72 -2.50
C LYS A 108 15.85 1.60 -1.49
N LEU A 109 15.66 0.73 -0.49
CA LEU A 109 16.68 0.49 0.52
C LEU A 109 17.51 -0.71 0.08
N THR A 110 18.82 -0.50 -0.13
CA THR A 110 19.75 -1.60 -0.34
C THR A 110 20.45 -1.91 0.99
N VAL A 111 20.58 -3.20 1.32
CA VAL A 111 21.31 -3.61 2.53
C VAL A 111 22.50 -4.44 2.06
N LEU A 112 23.68 -3.84 2.13
CA LEU A 112 24.92 -4.48 1.62
C LEU A 112 25.76 -5.03 2.77
N GLY A 113 26.13 -6.29 2.70
CA GLY A 113 27.05 -6.80 3.69
C GLY A 113 26.59 -8.10 4.32
N GLN A 114 27.31 -8.47 5.39
CA GLN A 114 27.13 -9.82 6.01
C GLN A 114 25.70 -10.23 6.30
N GLY A 115 25.18 -11.21 5.56
CA GLY A 115 23.90 -11.80 5.90
C GLY A 115 24.00 -12.71 7.10
N GLY A 116 22.83 -13.12 7.60
CA GLY A 116 22.73 -14.16 8.62
C GLY A 116 22.41 -13.64 10.01
N GLY A 117 22.42 -12.34 10.21
CA GLY A 117 22.14 -11.78 11.51
C GLY A 117 20.73 -11.19 11.57
N GLY A 118 20.14 -11.28 12.73
CA GLY A 118 18.92 -10.53 12.94
C GLY A 118 17.92 -11.29 13.79
N SER A 119 16.81 -10.62 14.08
CA SER A 119 15.72 -11.23 14.83
C SER A 119 14.65 -11.69 13.87
N GLY A 120 14.02 -12.81 14.17
CA GLY A 120 12.93 -13.29 13.33
C GLY A 120 11.57 -12.68 13.63
N SER A 129 0.78 -16.08 9.12
CA SER A 129 -0.13 -14.94 8.92
C SER A 129 -1.58 -15.33 9.17
N GLN A 130 -2.27 -14.64 10.08
CA GLN A 130 -3.72 -14.88 10.24
C GLN A 130 -4.49 -14.31 9.06
N VAL A 131 -4.21 -13.08 8.70
CA VAL A 131 -5.01 -12.36 7.72
C VAL A 131 -4.47 -12.64 6.32
N GLN A 132 -5.35 -12.99 5.38
CA GLN A 132 -4.97 -13.13 3.99
C GLN A 132 -6.01 -12.49 3.08
N LEU A 133 -5.54 -11.77 2.06
CA LEU A 133 -6.39 -11.23 1.01
CA LEU A 133 -6.39 -11.23 1.01
C LEU A 133 -6.01 -11.93 -0.28
N GLN A 134 -6.96 -12.60 -0.92
CA GLN A 134 -6.70 -13.43 -2.08
CA GLN A 134 -6.71 -13.45 -2.09
C GLN A 134 -7.26 -12.76 -3.33
N GLN A 135 -6.39 -12.48 -4.30
CA GLN A 135 -6.75 -11.90 -5.57
C GLN A 135 -6.27 -12.82 -6.69
N PRO A 136 -7.01 -12.95 -7.79
CA PRO A 136 -6.48 -13.66 -8.95
C PRO A 136 -5.22 -12.99 -9.47
N GLY A 137 -4.30 -13.79 -9.99
CA GLY A 137 -3.04 -13.23 -10.45
C GLY A 137 -3.14 -12.39 -11.69
N ALA A 138 -4.12 -12.66 -12.57
CA ALA A 138 -4.11 -11.99 -13.86
C ALA A 138 -5.52 -11.95 -14.44
N GLU A 139 -5.78 -10.92 -15.23
CA GLU A 139 -7.02 -10.83 -16.02
C GLU A 139 -6.66 -10.24 -17.36
N LEU A 140 -7.32 -10.74 -18.40
CA LEU A 140 -7.14 -10.24 -19.76
C LEU A 140 -8.48 -9.68 -20.21
N ALA A 141 -8.51 -8.47 -20.76
CA ALA A 141 -9.78 -7.89 -21.19
C ALA A 141 -9.58 -7.05 -22.45
N LYS A 142 -10.72 -6.84 -23.24
CA LYS A 142 -10.63 -6.13 -24.49
C LYS A 142 -10.93 -4.65 -24.32
N PRO A 143 -10.41 -3.76 -25.16
CA PRO A 143 -10.77 -2.34 -25.01
C PRO A 143 -12.26 -2.11 -25.18
N GLY A 144 -12.78 -1.15 -24.42
CA GLY A 144 -14.19 -0.84 -24.43
C GLY A 144 -15.02 -1.72 -23.52
N ALA A 145 -14.49 -2.85 -23.08
CA ALA A 145 -15.23 -3.72 -22.18
C ALA A 145 -15.04 -3.22 -20.75
N SER A 146 -15.73 -3.90 -19.83
CA SER A 146 -15.49 -3.74 -18.40
CA SER A 146 -15.50 -3.75 -18.40
C SER A 146 -14.86 -5.02 -17.87
N VAL A 147 -14.20 -4.90 -16.72
CA VAL A 147 -13.61 -6.06 -16.07
C VAL A 147 -13.90 -6.00 -14.59
N GLN A 148 -14.08 -7.17 -13.99
CA GLN A 148 -14.31 -7.28 -12.55
C GLN A 148 -13.08 -7.84 -11.87
N LEU A 149 -12.59 -7.13 -10.87
CA LEU A 149 -11.50 -7.62 -10.04
C LEU A 149 -12.04 -8.02 -8.67
N SER A 150 -11.52 -9.11 -8.10
CA SER A 150 -12.04 -9.64 -6.85
C SER A 150 -10.95 -9.77 -5.78
N CYS A 151 -11.40 -9.74 -4.54
CA CYS A 151 -10.47 -9.77 -3.42
C CYS A 151 -11.18 -10.41 -2.22
N LYS A 152 -10.81 -11.64 -1.90
CA LYS A 152 -11.51 -12.36 -0.83
C LYS A 152 -10.66 -12.27 0.44
N GLY A 153 -11.26 -11.81 1.53
CA GLY A 153 -10.57 -11.68 2.80
C GLY A 153 -10.88 -12.88 3.68
N SER A 154 -9.85 -13.38 4.38
CA SER A 154 -10.03 -14.49 5.31
C SER A 154 -9.17 -14.24 6.53
N GLY A 155 -9.57 -14.85 7.64
CA GLY A 155 -8.81 -14.78 8.88
C GLY A 155 -9.14 -13.59 9.74
N TYR A 156 -10.20 -12.84 9.43
CA TYR A 156 -10.69 -11.73 10.24
C TYR A 156 -12.18 -11.57 9.97
N THR A 157 -12.82 -10.71 10.76
CA THR A 157 -14.24 -10.43 10.59
C THR A 157 -14.37 -9.44 9.45
N PHE A 158 -14.62 -9.99 8.27
CA PHE A 158 -14.51 -9.23 7.02
C PHE A 158 -15.27 -7.91 7.00
N PRO A 159 -16.53 -7.83 7.41
CA PRO A 159 -17.26 -6.55 7.30
C PRO A 159 -16.74 -5.45 8.19
N ASN A 160 -15.96 -5.78 9.23
CA ASN A 160 -15.50 -4.82 10.21
C ASN A 160 -14.26 -4.06 9.80
N TYR A 161 -13.75 -4.26 8.58
CA TYR A 161 -12.63 -3.50 8.06
C TYR A 161 -13.03 -2.95 6.71
N TRP A 162 -12.44 -1.80 6.37
CA TRP A 162 -12.64 -1.24 5.04
C TRP A 162 -11.74 -2.00 4.07
N MET A 163 -12.04 -1.89 2.77
CA MET A 163 -11.12 -2.37 1.74
C MET A 163 -10.72 -1.18 0.88
N HIS A 164 -9.42 -0.89 0.86
CA HIS A 164 -8.87 0.06 -0.09
C HIS A 164 -8.49 -0.66 -1.38
N TRP A 165 -8.44 0.08 -2.48
CA TRP A 165 -7.89 -0.40 -3.73
C TRP A 165 -6.81 0.58 -4.20
N VAL A 166 -5.71 0.06 -4.72
CA VAL A 166 -4.55 0.84 -5.12
C VAL A 166 -4.06 0.23 -6.43
N THR A 167 -3.45 1.05 -7.28
CA THR A 167 -2.86 0.58 -8.54
C THR A 167 -1.39 0.96 -8.59
N GLN A 168 -0.64 0.13 -9.31
CA GLN A 168 0.79 0.42 -9.50
C GLN A 168 1.30 0.05 -10.88
N ARG A 169 2.15 0.89 -11.41
CA ARG A 169 2.98 0.56 -12.57
C ARG A 169 4.28 1.33 -12.44
N PRO A 170 5.36 0.82 -13.01
CA PRO A 170 6.61 1.57 -12.98
C PRO A 170 6.45 2.92 -13.66
N GLY A 171 7.14 3.90 -13.14
CA GLY A 171 7.04 5.25 -13.64
C GLY A 171 5.89 6.03 -13.06
N ARG A 172 4.77 5.37 -12.75
CA ARG A 172 3.65 6.09 -12.17
C ARG A 172 3.58 5.97 -10.65
N GLY A 173 4.16 4.91 -10.09
CA GLY A 173 4.17 4.72 -8.66
C GLY A 173 2.87 4.08 -8.20
N LEU A 174 2.52 4.33 -6.94
CA LEU A 174 1.30 3.81 -6.35
C LEU A 174 0.25 4.91 -6.34
N GLU A 175 -0.97 4.54 -6.71
CA GLU A 175 -2.09 5.48 -6.74
C GLU A 175 -3.28 4.87 -6.03
N TRP A 176 -3.85 5.59 -5.10
CA TRP A 176 -5.03 5.12 -4.39
C TRP A 176 -6.25 5.31 -5.28
N ILE A 177 -7.09 4.28 -5.37
CA ILE A 177 -8.30 4.34 -6.18
C ILE A 177 -9.51 4.75 -5.36
N GLY A 178 -9.67 4.14 -4.19
CA GLY A 178 -10.86 4.38 -3.39
C GLY A 178 -10.94 3.37 -2.27
N ARG A 179 -11.99 3.49 -1.45
CA ARG A 179 -12.22 2.49 -0.43
C ARG A 179 -13.72 2.32 -0.21
N ILE A 180 -14.07 1.15 0.37
CA ILE A 180 -15.46 0.85 0.72
C ILE A 180 -15.52 0.34 2.15
N ASP A 181 -16.52 0.83 2.90
CA ASP A 181 -16.81 0.33 4.25
C ASP A 181 -18.02 -0.58 4.23
N PRO A 182 -17.84 -1.91 4.39
CA PRO A 182 -18.99 -2.85 4.33
C PRO A 182 -20.07 -2.59 5.36
N ASN A 183 -19.73 -2.03 6.51
CA ASN A 183 -20.73 -1.87 7.57
C ASN A 183 -21.51 -0.56 7.46
N SER A 184 -20.93 0.51 6.88
CA SER A 184 -21.66 1.75 6.65
C SER A 184 -22.22 1.86 5.24
N GLY A 185 -21.66 1.13 4.28
CA GLY A 185 -21.94 1.34 2.89
C GLY A 185 -21.22 2.51 2.24
N PHE A 186 -20.49 3.31 3.01
CA PHE A 186 -19.89 4.51 2.44
C PHE A 186 -18.70 4.15 1.56
N ILE A 187 -18.65 4.76 0.38
CA ILE A 187 -17.58 4.54 -0.59
C ILE A 187 -16.94 5.88 -0.92
N ARG A 188 -15.60 5.92 -0.95
CA ARG A 188 -14.87 7.07 -1.44
C ARG A 188 -14.12 6.67 -2.71
N TYR A 189 -14.12 7.56 -3.70
CA TYR A 189 -13.29 7.41 -4.89
C TYR A 189 -12.30 8.55 -4.96
N ASP A 190 -11.09 8.24 -5.39
CA ASP A 190 -10.20 9.28 -5.81
C ASP A 190 -10.73 9.96 -7.08
N GLU A 191 -10.45 11.27 -7.20
CA GLU A 191 -10.89 12.03 -8.36
C GLU A 191 -10.44 11.42 -9.68
N ARG A 192 -9.25 10.81 -9.68
CA ARG A 192 -8.72 10.20 -10.90
C ARG A 192 -9.56 9.01 -11.36
N PHE A 193 -10.22 8.31 -10.44
CA PHE A 193 -10.90 7.06 -10.75
C PHE A 193 -12.40 7.10 -10.60
N LYS A 194 -12.97 8.28 -10.37
CA LYS A 194 -14.39 8.33 -10.02
C LYS A 194 -15.30 7.77 -11.12
N THR A 195 -14.93 7.89 -12.38
CA THR A 195 -15.81 7.30 -13.39
C THR A 195 -15.31 5.97 -13.91
N LYS A 196 -14.10 5.60 -13.56
CA LYS A 196 -13.54 4.35 -14.09
C LYS A 196 -13.86 3.17 -13.17
N ALA A 197 -13.86 3.38 -11.84
CA ALA A 197 -14.02 2.29 -10.89
C ALA A 197 -15.42 2.30 -10.27
N THR A 198 -15.92 1.10 -9.93
CA THR A 198 -17.09 0.92 -9.07
C THR A 198 -16.75 -0.14 -8.02
N LEU A 199 -16.88 0.21 -6.74
CA LEU A 199 -16.53 -0.69 -5.63
C LEU A 199 -17.79 -1.29 -5.03
N THR A 200 -17.77 -2.60 -4.80
CA THR A 200 -18.87 -3.26 -4.12
C THR A 200 -18.28 -4.30 -3.17
N VAL A 201 -19.12 -4.84 -2.28
CA VAL A 201 -18.72 -5.95 -1.42
CA VAL A 201 -18.73 -5.92 -1.37
C VAL A 201 -19.87 -6.93 -1.29
N ASP A 202 -19.49 -8.19 -1.12
CA ASP A 202 -20.44 -9.25 -0.78
C ASP A 202 -20.03 -9.85 0.56
N LYS A 203 -20.80 -9.53 1.62
CA LYS A 203 -20.46 -10.05 2.95
C LYS A 203 -20.51 -11.57 3.04
N PRO A 204 -21.51 -12.26 2.49
CA PRO A 204 -21.56 -13.71 2.66
C PRO A 204 -20.34 -14.43 2.12
N SER A 205 -19.78 -13.95 1.01
CA SER A 205 -18.60 -14.59 0.46
C SER A 205 -17.32 -13.89 0.88
N SER A 206 -17.40 -12.91 1.79
CA SER A 206 -16.22 -12.14 2.22
C SER A 206 -15.38 -11.63 1.07
N THR A 207 -16.03 -11.10 0.04
CA THR A 207 -15.31 -10.68 -1.14
C THR A 207 -15.64 -9.23 -1.47
N ALA A 208 -14.58 -8.47 -1.77
CA ALA A 208 -14.68 -7.11 -2.28
C ALA A 208 -14.43 -7.14 -3.79
N TYR A 209 -15.17 -6.32 -4.53
CA TYR A 209 -15.07 -6.25 -5.98
C TYR A 209 -14.80 -4.84 -6.44
N MET A 210 -14.04 -4.75 -7.53
CA MET A 210 -13.80 -3.51 -8.25
C MET A 210 -14.08 -3.73 -9.73
N GLN A 211 -15.05 -3.01 -10.26
CA GLN A 211 -15.27 -3.01 -11.69
C GLN A 211 -14.54 -1.83 -12.31
N LEU A 212 -13.78 -2.09 -13.39
CA LEU A 212 -13.17 -1.03 -14.20
C LEU A 212 -13.90 -1.04 -15.53
N SER A 213 -14.44 0.11 -15.90
CA SER A 213 -15.28 0.21 -17.08
C SER A 213 -14.56 0.91 -18.22
N SER A 214 -15.13 0.75 -19.40
CA SER A 214 -14.67 1.43 -20.62
C SER A 214 -13.16 1.31 -20.77
N LEU A 215 -12.67 0.08 -20.76
CA LEU A 215 -11.24 -0.15 -20.68
C LEU A 215 -10.49 0.42 -21.88
N THR A 216 -9.32 0.99 -21.60
CA THR A 216 -8.39 1.40 -22.66
C THR A 216 -7.01 0.83 -22.35
N SER A 217 -6.08 1.00 -23.30
CA SER A 217 -4.73 0.51 -23.12
CA SER A 217 -4.71 0.53 -23.14
C SER A 217 -4.07 1.13 -21.89
N ASP A 218 -4.46 2.35 -21.52
CA ASP A 218 -3.89 2.98 -20.33
C ASP A 218 -4.23 2.26 -19.03
N ASP A 219 -5.23 1.38 -19.05
CA ASP A 219 -5.65 0.71 -17.83
C ASP A 219 -4.82 -0.52 -17.47
N SER A 220 -3.97 -1.03 -18.39
CA SER A 220 -3.14 -2.16 -18.04
C SER A 220 -2.18 -1.77 -16.92
N ALA A 221 -2.20 -2.51 -15.80
CA ALA A 221 -1.49 -2.18 -14.56
C ALA A 221 -1.72 -3.30 -13.58
N VAL A 222 -1.11 -3.21 -12.42
CA VAL A 222 -1.42 -4.11 -11.30
C VAL A 222 -2.37 -3.41 -10.34
N TYR A 223 -3.38 -4.13 -9.88
CA TYR A 223 -4.42 -3.58 -9.01
C TYR A 223 -4.45 -4.39 -7.73
N PHE A 224 -4.32 -3.72 -6.58
CA PHE A 224 -4.25 -4.37 -5.28
C PHE A 224 -5.47 -4.00 -4.46
N CYS A 225 -5.87 -4.91 -3.59
CA CYS A 225 -6.72 -4.55 -2.47
C CYS A 225 -5.86 -4.55 -1.22
N ALA A 226 -6.27 -3.76 -0.23
CA ALA A 226 -5.55 -3.64 1.03
C ALA A 226 -6.55 -3.25 2.10
N ARG A 227 -6.38 -3.83 3.27
CA ARG A 227 -7.30 -3.55 4.36
CA ARG A 227 -7.28 -3.57 4.39
C ARG A 227 -7.07 -2.16 4.96
N GLY A 228 -8.13 -1.58 5.52
CA GLY A 228 -8.00 -0.34 6.27
C GLY A 228 -9.07 -0.26 7.33
N CYS A 229 -8.96 0.77 8.17
CA CYS A 229 -9.96 0.97 9.22
C CYS A 229 -9.70 2.31 9.88
N TYR A 230 -10.76 3.10 10.07
CA TYR A 230 -10.62 4.40 10.71
C TYR A 230 -9.83 4.33 12.02
N GLY A 231 -8.78 5.14 12.12
CA GLY A 231 -7.99 5.19 13.32
C GLY A 231 -7.10 3.98 13.54
N CYS A 232 -7.01 3.08 12.56
CA CYS A 232 -6.19 1.89 12.78
C CYS A 232 -5.08 1.83 11.75
N ILE A 233 -4.62 0.63 11.40
CA ILE A 233 -3.42 0.51 10.57
C ILE A 233 -3.88 0.40 9.13
N HIS A 234 -3.99 1.54 8.44
CA HIS A 234 -4.37 1.46 7.03
C HIS A 234 -3.28 0.77 6.23
N PHE A 235 -3.71 -0.09 5.31
CA PHE A 235 -2.78 -0.79 4.40
C PHE A 235 -1.95 -1.83 5.14
N ASP A 236 -2.48 -2.44 6.20
CA ASP A 236 -1.68 -3.42 6.99
C ASP A 236 -1.47 -4.72 6.21
N TYR A 237 -2.51 -5.22 5.57
CA TYR A 237 -2.49 -6.45 4.78
C TYR A 237 -2.93 -6.15 3.36
N TRP A 238 -2.27 -6.78 2.37
CA TRP A 238 -2.50 -6.54 0.97
C TRP A 238 -2.74 -7.85 0.24
N GLY A 239 -3.58 -7.82 -0.80
CA GLY A 239 -3.59 -8.89 -1.77
C GLY A 239 -2.29 -8.89 -2.57
N GLN A 240 -2.07 -9.98 -3.29
CA GLN A 240 -0.88 -10.13 -4.14
CA GLN A 240 -0.85 -10.06 -4.10
C GLN A 240 -0.92 -9.24 -5.38
N GLY A 241 -2.07 -8.67 -5.71
CA GLY A 241 -2.20 -7.86 -6.92
C GLY A 241 -2.70 -8.65 -8.11
N THR A 242 -3.63 -8.09 -8.87
CA THR A 242 -4.05 -8.69 -10.12
C THR A 242 -3.44 -7.87 -11.25
N THR A 243 -2.72 -8.53 -12.14
CA THR A 243 -2.16 -7.85 -13.30
C THR A 243 -3.23 -7.85 -14.36
N LEU A 244 -3.73 -6.66 -14.72
CA LEU A 244 -4.71 -6.52 -15.80
C LEU A 244 -3.99 -6.19 -17.10
N THR A 245 -4.23 -6.98 -18.14
CA THR A 245 -3.73 -6.68 -19.48
C THR A 245 -4.93 -6.35 -20.34
N VAL A 246 -4.93 -5.18 -20.94
CA VAL A 246 -5.96 -4.80 -21.90
C VAL A 246 -5.36 -5.04 -23.29
N SER A 247 -6.02 -5.89 -24.08
CA SER A 247 -5.48 -6.29 -25.37
C SER A 247 -5.57 -5.13 -26.37
N SER A 248 -4.85 -5.28 -27.47
CA SER A 248 -4.80 -4.19 -28.42
C SER A 248 -5.86 -4.38 -29.49
C10 A1LZO B . -7.78 8.05 9.60
N12 A1LZO B . -7.69 8.98 10.56
C01 A1LZO B . -11.14 9.32 7.21
C02 A1LZO B . -11.38 8.55 6.04
C03 A1LZO B . -10.27 7.75 5.57
C04 A1LZO B . -9.04 7.70 6.25
C05 A1LZO B . -8.83 8.48 7.39
C06 A1LZO B . -9.90 9.29 7.86
C08 A1LZO B . -7.55 9.90 12.86
C09 A1LZO B . -7.49 8.43 8.14
C18 A1LZO B . -7.92 8.66 11.96
N11 A1LZO B . -10.43 6.90 4.26
O07 A1LZO B . -12.57 8.55 5.40
O13 A1LZO B . -7.26 10.96 12.28
O14 A1LZO B . -7.61 9.70 14.07
O15 A1LZO B . -9.45 6.18 4.03
O16 A1LZO B . -11.45 7.00 3.55
O17 A1LZO B . -8.03 6.86 9.85
#